data_1DK5
#
_entry.id   1DK5
#
_cell.length_a   96.760
_cell.length_b   96.760
_cell.length_c   173.390
_cell.angle_alpha   90.00
_cell.angle_beta   90.00
_cell.angle_gamma   120.00
#
_symmetry.space_group_name_H-M   'P 32 2 1'
#
loop_
_entity.id
_entity.type
_entity.pdbx_description
1 polymer 'ANNEXIN 24(CA32)'
2 non-polymer 'SULFATE ION'
3 water water
#
_entity_poly.entity_id   1
_entity_poly.type   'polypeptide(L)'
_entity_poly.pdbx_seq_one_letter_code
;MAHHHHHHMASLTVPAHVPSAAEDCEQLRSAFKGWGTNEKLIISILAHRTAAQRKLIRQTYAETFGEDLLKELDRELTHD
FEKLVLVWTLDPSERDAHLAKEATKRWTKSNFVLVELACTRSPKELVLAREAYHARYKKSLEEDVAYHTTGDHRKLLVPL
VSSYRYGGEEVDLRLAKAESKILHEKISDKAYSDDEVIRILATRSKAQLNATLNHYKDEHGEDILKQLEDGDEFVALLRA
TIKGLVYPEHYFVEVLRDAINRRGTEEDHLTRVIATRAEVDLKIIADEYQKRDSIPLGRAIAKDTRGDYESMLLALLGQE
ED
;
_entity_poly.pdbx_strand_id   A,B
#
# COMPACT_ATOMS: atom_id res chain seq x y z
N HIS A 5 36.62 40.32 22.82
CA HIS A 5 37.80 41.06 22.30
C HIS A 5 37.57 41.46 20.84
N HIS A 6 38.16 42.59 20.43
CA HIS A 6 38.04 43.03 19.04
C HIS A 6 39.42 43.11 18.32
N HIS A 7 39.62 42.19 17.36
CA HIS A 7 40.87 42.07 16.59
C HIS A 7 41.20 43.18 15.58
N HIS A 8 42.41 43.08 14.98
CA HIS A 8 43.00 43.99 13.96
C HIS A 8 42.03 44.06 12.78
N MET A 9 41.28 42.98 12.60
CA MET A 9 40.34 42.87 11.51
C MET A 9 38.88 43.19 11.89
N ALA A 10 38.49 42.79 13.09
CA ALA A 10 37.14 43.01 13.56
C ALA A 10 36.80 44.52 13.59
N SER A 11 35.53 44.84 13.64
CA SER A 11 35.11 46.23 13.69
C SER A 11 34.56 46.47 15.06
N LEU A 12 33.96 45.44 15.64
CA LEU A 12 33.37 45.53 16.97
C LEU A 12 34.27 46.35 17.88
N THR A 13 33.69 47.19 18.71
CA THR A 13 34.47 47.98 19.64
C THR A 13 33.88 47.84 21.01
N VAL A 14 34.70 47.59 22.02
CA VAL A 14 34.15 47.50 23.35
C VAL A 14 34.81 48.57 24.21
N PRO A 15 34.16 48.94 25.32
CA PRO A 15 34.71 49.95 26.20
C PRO A 15 36.10 49.58 26.60
N ALA A 16 36.89 50.57 27.00
CA ALA A 16 38.24 50.34 27.48
C ALA A 16 38.07 49.76 28.90
N HIS A 17 37.03 50.23 29.59
CA HIS A 17 36.66 49.78 30.94
C HIS A 17 35.27 49.16 30.85
N VAL A 18 35.16 47.85 30.62
CA VAL A 18 33.83 47.28 30.47
C VAL A 18 33.09 46.96 31.77
N PRO A 19 31.80 47.30 31.80
CA PRO A 19 30.93 47.09 32.96
C PRO A 19 30.92 45.64 33.29
N SER A 20 30.55 45.30 34.50
CA SER A 20 30.52 43.89 34.87
C SER A 20 29.25 43.31 34.28
N ALA A 21 29.16 41.99 34.33
CA ALA A 21 27.98 41.30 33.84
C ALA A 21 26.74 41.81 34.55
N ALA A 22 26.76 41.82 35.88
CA ALA A 22 25.60 42.32 36.63
C ALA A 22 25.29 43.79 36.26
N GLU A 23 26.34 44.54 35.95
CA GLU A 23 26.21 45.94 35.58
C GLU A 23 25.41 46.14 34.30
N ASP A 24 25.76 45.40 33.26
CA ASP A 24 25.05 45.47 31.98
C ASP A 24 23.59 45.05 32.16
N CYS A 25 23.37 44.03 32.99
CA CYS A 25 22.02 43.53 33.24
C CYS A 25 21.11 44.56 33.91
N GLU A 26 21.52 45.09 35.05
CA GLU A 26 20.66 46.05 35.72
C GLU A 26 20.28 47.09 34.66
N GLN A 27 21.27 47.65 33.98
CA GLN A 27 20.99 48.70 32.99
C GLN A 27 20.12 48.21 31.82
N LEU A 28 20.41 47.03 31.31
CA LEU A 28 19.67 46.48 30.17
C LEU A 28 18.22 46.17 30.60
N ARG A 29 18.12 45.62 31.80
CA ARG A 29 16.86 45.26 32.43
C ARG A 29 16.04 46.52 32.50
N SER A 30 16.70 47.58 32.99
CA SER A 30 16.08 48.88 33.13
C SER A 30 15.84 49.53 31.81
N ALA A 31 15.89 48.77 30.72
CA ALA A 31 15.62 49.39 29.44
C ALA A 31 14.29 48.83 29.01
N PHE A 32 13.68 48.04 29.88
CA PHE A 32 12.39 47.45 29.57
C PHE A 32 11.29 48.04 30.45
N LYS A 33 11.68 48.66 31.58
CA LYS A 33 10.71 49.28 32.49
C LYS A 33 9.75 50.24 31.78
N GLY A 34 8.45 49.94 31.87
CA GLY A 34 7.38 50.75 31.30
C GLY A 34 7.32 51.47 29.94
N TRP A 35 8.43 52.05 29.47
CA TRP A 35 8.39 52.79 28.20
C TRP A 35 9.08 52.04 27.05
N GLY A 36 9.58 50.85 27.35
CA GLY A 36 10.22 49.98 26.36
C GLY A 36 11.05 50.53 25.22
N THR A 37 11.00 51.83 25.02
CA THR A 37 11.74 52.45 23.94
C THR A 37 13.10 53.04 24.35
N ASN A 38 13.98 52.18 24.88
CA ASN A 38 15.31 52.62 25.19
C ASN A 38 16.19 51.73 24.33
N GLU A 39 16.20 52.07 23.05
CA GLU A 39 16.94 51.34 22.05
C GLU A 39 18.39 51.68 22.24
N LYS A 40 18.67 52.98 22.25
CA LYS A 40 20.02 53.51 22.40
C LYS A 40 20.84 52.86 23.47
N LEU A 41 20.20 52.47 24.56
CA LEU A 41 20.88 51.87 25.69
C LEU A 41 21.18 50.39 25.38
N ILE A 42 20.24 49.75 24.72
CA ILE A 42 20.39 48.36 24.34
C ILE A 42 21.46 48.26 23.25
N ILE A 43 21.36 49.16 22.26
CA ILE A 43 22.29 49.22 21.17
C ILE A 43 23.68 49.56 21.69
N SER A 44 23.74 50.37 22.74
CA SER A 44 25.03 50.81 23.28
C SER A 44 25.68 49.77 24.15
N ILE A 45 24.92 48.74 24.52
CA ILE A 45 25.48 47.73 25.38
C ILE A 45 25.74 46.44 24.64
N LEU A 46 24.72 45.97 23.94
CA LEU A 46 24.86 44.74 23.24
C LEU A 46 25.84 44.87 22.07
N ALA A 47 25.79 45.98 21.36
CA ALA A 47 26.67 46.15 20.24
C ALA A 47 28.10 46.53 20.59
N HIS A 48 28.41 46.59 21.88
CA HIS A 48 29.77 46.92 22.27
C HIS A 48 30.24 45.92 23.30
N ARG A 49 29.92 44.68 22.98
CA ARG A 49 30.30 43.55 23.79
C ARG A 49 30.77 42.38 22.90
N THR A 50 31.77 41.65 23.39
CA THR A 50 32.37 40.49 22.73
C THR A 50 31.45 39.30 22.96
N ALA A 51 31.69 38.18 22.28
CA ALA A 51 30.79 37.06 22.48
C ALA A 51 30.81 36.48 23.87
N ALA A 52 31.97 36.38 24.50
CA ALA A 52 32.01 35.77 25.83
C ALA A 52 31.37 36.67 26.85
N GLN A 53 31.38 37.96 26.54
CA GLN A 53 30.78 38.97 27.38
C GLN A 53 29.26 38.90 27.26
N ARG A 54 28.78 38.71 26.05
CA ARG A 54 27.35 38.61 25.90
C ARG A 54 26.85 37.31 26.55
N LYS A 55 27.66 36.25 26.56
CA LYS A 55 27.22 35.00 27.16
C LYS A 55 27.02 35.10 28.66
N LEU A 56 27.99 35.71 29.33
CA LEU A 56 27.94 35.89 30.77
C LEU A 56 26.80 36.85 31.09
N ILE A 57 26.53 37.79 30.19
CA ILE A 57 25.44 38.72 30.42
C ILE A 57 24.18 37.83 30.47
N ARG A 58 23.93 37.14 29.36
CA ARG A 58 22.80 36.26 29.19
C ARG A 58 22.62 35.28 30.32
N GLN A 59 23.71 34.88 30.92
CA GLN A 59 23.62 33.93 32.02
C GLN A 59 23.27 34.67 33.29
N THR A 60 23.90 35.81 33.55
CA THR A 60 23.59 36.54 34.77
C THR A 60 22.18 37.15 34.70
N TYR A 61 21.71 37.47 33.49
CA TYR A 61 20.36 38.02 33.38
C TYR A 61 19.29 36.96 33.70
N ALA A 62 19.61 35.69 33.50
CA ALA A 62 18.67 34.61 33.76
C ALA A 62 18.64 34.27 35.21
N GLU A 63 19.82 34.20 35.80
CA GLU A 63 19.98 33.84 37.21
C GLU A 63 19.58 34.90 38.26
N THR A 64 19.40 36.15 37.85
CA THR A 64 19.04 37.18 38.81
C THR A 64 17.61 37.63 38.59
N PHE A 65 17.09 37.40 37.39
CA PHE A 65 15.72 37.78 37.06
C PHE A 65 14.87 36.57 36.68
N GLY A 66 15.47 35.39 36.75
CA GLY A 66 14.76 34.17 36.41
C GLY A 66 14.16 34.15 35.02
N GLU A 67 14.35 35.22 34.24
CA GLU A 67 13.85 35.31 32.88
C GLU A 67 14.96 35.27 31.80
N ASP A 68 14.61 34.90 30.57
CA ASP A 68 15.57 34.78 29.46
C ASP A 68 15.70 36.07 28.64
N LEU A 69 16.90 36.66 28.66
CA LEU A 69 17.18 37.90 27.95
C LEU A 69 16.69 37.90 26.53
N LEU A 70 17.10 36.92 25.72
CA LEU A 70 16.67 36.91 24.35
C LEU A 70 15.16 36.98 24.20
N LYS A 71 14.45 36.09 24.90
CA LYS A 71 12.99 36.08 24.85
C LYS A 71 12.52 37.47 25.22
N GLU A 72 13.30 38.14 26.06
CA GLU A 72 12.97 39.48 26.48
C GLU A 72 13.22 40.47 25.36
N LEU A 73 14.12 40.16 24.44
CA LEU A 73 14.35 41.10 23.35
C LEU A 73 14.05 40.55 22.00
N ASP A 74 13.19 39.55 21.93
CA ASP A 74 12.82 39.01 20.63
C ASP A 74 11.33 39.24 20.50
N ARG A 75 10.84 40.26 21.20
CA ARG A 75 9.42 40.54 21.18
C ARG A 75 8.86 40.67 19.75
N GLU A 76 9.42 41.54 18.92
CA GLU A 76 8.89 41.71 17.55
C GLU A 76 9.91 41.46 16.40
N LEU A 77 10.29 40.19 16.20
CA LEU A 77 11.26 39.83 15.17
C LEU A 77 10.92 40.10 13.70
N THR A 78 9.76 40.69 13.42
CA THR A 78 9.38 40.97 12.03
C THR A 78 10.14 42.23 11.58
N HIS A 79 10.46 43.10 12.53
CA HIS A 79 11.20 44.34 12.26
C HIS A 79 12.69 44.17 12.15
N ASP A 80 13.23 44.70 11.06
CA ASP A 80 14.67 44.60 10.83
C ASP A 80 15.53 44.83 12.08
N PHE A 81 15.31 45.91 12.79
CA PHE A 81 16.07 46.23 14.01
C PHE A 81 16.08 45.11 15.05
N GLU A 82 14.91 44.64 15.43
CA GLU A 82 14.80 43.59 16.43
C GLU A 82 15.37 42.24 16.00
N LYS A 83 15.39 42.01 14.70
CA LYS A 83 15.90 40.80 14.11
C LYS A 83 17.42 40.85 14.05
N LEU A 84 17.95 42.07 14.05
CA LEU A 84 19.39 42.27 14.01
C LEU A 84 20.01 42.11 15.39
N VAL A 85 19.34 42.64 16.40
CA VAL A 85 19.84 42.54 17.77
C VAL A 85 19.90 41.07 18.15
N LEU A 86 18.88 40.31 17.77
CA LEU A 86 18.88 38.91 18.08
C LEU A 86 20.12 38.30 17.47
N VAL A 87 20.06 38.09 16.16
CA VAL A 87 21.18 37.47 15.44
C VAL A 87 22.49 37.91 16.04
N TRP A 88 22.66 39.20 16.18
CA TRP A 88 23.89 39.68 16.71
C TRP A 88 24.17 39.25 18.13
N THR A 89 23.25 39.46 19.05
CA THR A 89 23.52 39.12 20.44
C THR A 89 23.86 37.68 20.64
N LEU A 90 23.30 36.85 19.78
CA LEU A 90 23.57 35.44 19.79
C LEU A 90 25.08 35.12 19.73
N ASP A 91 25.42 33.95 20.24
CA ASP A 91 26.79 33.53 20.18
C ASP A 91 27.02 33.21 18.71
N PRO A 92 28.26 33.42 18.20
CA PRO A 92 28.55 33.13 16.80
C PRO A 92 28.16 31.74 16.40
N SER A 93 28.06 30.84 17.37
CA SER A 93 27.68 29.45 17.11
C SER A 93 26.18 29.25 16.89
N GLU A 94 25.38 29.78 17.80
CA GLU A 94 23.95 29.65 17.70
C GLU A 94 23.55 30.46 16.49
N ARG A 95 24.25 31.57 16.26
CA ARG A 95 23.95 32.42 15.13
C ARG A 95 24.12 31.65 13.81
N ASP A 96 25.15 30.82 13.72
CA ASP A 96 25.27 30.09 12.48
C ASP A 96 24.21 29.00 12.45
N ALA A 97 23.96 28.37 13.58
CA ALA A 97 22.97 27.33 13.62
C ALA A 97 21.64 27.88 13.09
N HIS A 98 21.27 29.07 13.53
CA HIS A 98 20.04 29.71 13.12
C HIS A 98 19.96 30.00 11.61
N LEU A 99 21.08 30.52 11.07
CA LEU A 99 21.23 30.87 9.65
C LEU A 99 21.25 29.57 8.85
N ALA A 100 22.04 28.62 9.33
CA ALA A 100 22.12 27.32 8.69
C ALA A 100 20.73 26.74 8.57
N LYS A 101 19.96 26.68 9.67
CA LYS A 101 18.62 26.09 9.59
C LYS A 101 17.66 26.94 8.75
N GLU A 102 17.76 28.24 8.88
CA GLU A 102 16.88 29.05 8.09
C GLU A 102 17.15 28.78 6.61
N ALA A 103 18.44 28.66 6.26
CA ALA A 103 18.84 28.43 4.88
C ALA A 103 18.24 27.21 4.19
N THR A 104 17.74 26.26 4.96
CA THR A 104 17.23 25.06 4.34
C THR A 104 15.72 24.96 4.27
N LYS A 105 15.00 26.04 4.56
CA LYS A 105 13.53 26.01 4.54
C LYS A 105 12.86 26.76 3.40
N ARG A 106 11.73 26.21 2.95
CA ARG A 106 10.92 26.74 1.85
C ARG A 106 11.06 28.23 1.63
N TRP A 107 10.50 28.99 2.58
CA TRP A 107 10.46 30.43 2.52
C TRP A 107 11.70 31.24 2.74
N THR A 108 12.80 30.60 3.05
CA THR A 108 14.07 31.31 3.20
C THR A 108 15.17 30.43 2.69
N LYS A 109 14.89 29.75 1.60
CA LYS A 109 15.88 28.84 1.02
C LYS A 109 17.04 29.53 0.33
N SER A 110 18.25 29.27 0.78
CA SER A 110 19.42 29.82 0.11
C SER A 110 20.53 28.80 0.25
N ASN A 111 20.97 28.22 -0.87
CA ASN A 111 22.07 27.26 -0.83
C ASN A 111 23.38 28.07 -0.75
N PHE A 112 23.29 29.35 -1.13
CA PHE A 112 24.42 30.27 -1.13
C PHE A 112 24.80 30.60 0.27
N VAL A 113 23.79 30.66 1.13
CA VAL A 113 24.05 30.94 2.51
C VAL A 113 24.68 29.73 3.19
N LEU A 114 24.23 28.53 2.84
CA LEU A 114 24.83 27.34 3.40
C LEU A 114 26.36 27.38 3.14
N VAL A 115 26.73 27.59 1.87
CA VAL A 115 28.11 27.66 1.46
C VAL A 115 28.81 28.74 2.26
N GLU A 116 28.20 29.92 2.29
CA GLU A 116 28.80 30.98 3.04
C GLU A 116 29.17 30.45 4.43
N LEU A 117 28.22 29.75 5.04
CA LEU A 117 28.38 29.19 6.36
C LEU A 117 29.46 28.16 6.48
N ALA A 118 29.60 27.32 5.45
CA ALA A 118 30.62 26.26 5.48
C ALA A 118 32.05 26.67 5.10
N CYS A 119 32.14 27.60 4.15
CA CYS A 119 33.40 28.09 3.65
C CYS A 119 33.91 29.36 4.28
N THR A 120 33.06 30.29 4.68
CA THR A 120 33.65 31.51 5.19
C THR A 120 33.89 31.61 6.66
N ARG A 121 33.93 30.48 7.34
CA ARG A 121 34.18 30.41 8.78
C ARG A 121 35.42 29.59 8.88
N SER A 122 36.06 29.55 10.03
CA SER A 122 37.22 28.67 10.16
C SER A 122 36.65 27.30 10.45
N PRO A 123 37.45 26.24 10.36
CA PRO A 123 36.96 24.88 10.63
C PRO A 123 36.37 24.72 12.04
N LYS A 124 37.13 25.07 13.07
CA LYS A 124 36.60 24.95 14.39
C LYS A 124 35.26 25.66 14.44
N GLU A 125 35.18 26.89 13.95
CA GLU A 125 33.89 27.57 13.99
C GLU A 125 32.76 26.74 13.36
N LEU A 126 32.97 26.21 12.16
CA LEU A 126 31.93 25.42 11.53
C LEU A 126 31.62 24.27 12.42
N VAL A 127 32.55 23.87 13.27
CA VAL A 127 32.18 22.76 14.13
C VAL A 127 31.43 23.25 15.37
N LEU A 128 31.76 24.39 15.96
CA LEU A 128 30.97 24.80 17.12
C LEU A 128 29.56 25.12 16.63
N ALA A 129 29.39 25.36 15.34
CA ALA A 129 28.07 25.67 14.85
C ALA A 129 27.33 24.32 14.70
N ARG A 130 28.05 23.31 14.22
CA ARG A 130 27.44 22.02 14.07
C ARG A 130 27.06 21.59 15.49
N GLU A 131 27.85 22.00 16.47
CA GLU A 131 27.54 21.67 17.84
C GLU A 131 26.31 22.41 18.38
N ALA A 132 26.11 23.65 17.96
CA ALA A 132 24.95 24.44 18.39
C ALA A 132 23.71 23.89 17.71
N TYR A 133 23.94 23.37 16.52
CA TYR A 133 22.88 22.84 15.75
C TYR A 133 22.37 21.51 16.32
N HIS A 134 23.16 20.88 17.16
CA HIS A 134 22.70 19.64 17.76
C HIS A 134 21.78 20.08 18.88
N ALA A 135 22.37 20.85 19.79
CA ALA A 135 21.67 21.35 20.96
C ALA A 135 20.33 21.93 20.65
N ARG A 136 20.34 22.92 19.80
CA ARG A 136 19.15 23.61 19.42
C ARG A 136 18.13 22.82 18.64
N TYR A 137 18.55 21.89 17.80
CA TYR A 137 17.59 21.18 16.95
C TYR A 137 17.49 19.67 17.02
N LYS A 138 18.37 19.06 17.78
CA LYS A 138 18.37 17.61 17.85
C LYS A 138 18.61 16.99 16.48
N LYS A 139 19.36 17.70 15.64
CA LYS A 139 19.73 17.22 14.30
C LYS A 139 21.04 17.84 13.75
N SER A 140 21.63 17.23 12.70
CA SER A 140 22.86 17.70 12.05
C SER A 140 22.68 18.84 11.11
N LEU A 141 23.68 19.71 10.93
CA LEU A 141 23.50 20.74 9.90
C LEU A 141 23.50 19.94 8.56
N GLU A 142 24.29 18.85 8.48
CA GLU A 142 24.33 18.05 7.23
C GLU A 142 23.18 17.10 7.13
N GLU A 143 22.64 16.65 8.27
CA GLU A 143 21.45 15.78 8.26
C GLU A 143 20.38 16.59 7.51
N ASP A 144 20.12 17.82 7.97
CA ASP A 144 19.15 18.73 7.33
C ASP A 144 19.56 19.19 5.95
N VAL A 145 20.82 19.56 5.76
CA VAL A 145 21.17 19.99 4.44
C VAL A 145 21.03 18.81 3.49
N ALA A 146 21.37 17.61 3.96
CA ALA A 146 21.27 16.48 3.05
C ALA A 146 19.83 16.30 2.62
N TYR A 147 18.94 16.34 3.62
CA TYR A 147 17.51 16.17 3.45
C TYR A 147 16.80 17.19 2.53
N HIS A 148 17.16 18.48 2.67
CA HIS A 148 16.52 19.53 1.90
C HIS A 148 17.18 19.90 0.59
N THR A 149 18.21 19.15 0.18
CA THR A 149 18.82 19.45 -1.12
C THR A 149 18.91 18.15 -1.87
N THR A 150 19.18 18.23 -3.18
CA THR A 150 19.25 17.06 -4.08
C THR A 150 20.30 17.18 -5.19
N GLY A 151 20.53 16.07 -5.89
CA GLY A 151 21.49 16.05 -6.99
C GLY A 151 22.84 16.78 -6.87
N ASP A 152 23.25 17.44 -7.96
CA ASP A 152 24.51 18.17 -7.95
C ASP A 152 24.64 19.01 -6.68
N HIS A 153 23.60 19.80 -6.38
CA HIS A 153 23.56 20.67 -5.19
C HIS A 153 23.84 19.89 -3.88
N ARG A 154 23.14 18.80 -3.69
CA ARG A 154 23.37 18.02 -2.49
C ARG A 154 24.83 17.47 -2.44
N LYS A 155 25.37 17.06 -3.58
CA LYS A 155 26.71 16.47 -3.72
C LYS A 155 27.85 17.41 -3.29
N LEU A 156 27.66 18.68 -3.59
CA LEU A 156 28.62 19.69 -3.23
C LEU A 156 28.38 20.26 -1.81
N LEU A 157 27.11 20.29 -1.40
CA LEU A 157 26.70 20.86 -0.14
C LEU A 157 26.92 20.07 1.15
N VAL A 158 26.72 18.77 1.08
CA VAL A 158 26.86 18.00 2.30
C VAL A 158 28.31 17.98 2.71
N PRO A 159 29.18 17.51 1.82
CA PRO A 159 30.59 17.47 2.15
C PRO A 159 31.02 18.85 2.47
N LEU A 160 30.42 19.87 1.91
CA LEU A 160 30.91 21.16 2.29
C LEU A 160 30.69 21.53 3.76
N VAL A 161 29.48 21.26 4.27
CA VAL A 161 29.13 21.64 5.63
C VAL A 161 29.60 20.62 6.65
N SER A 162 29.91 19.41 6.19
CA SER A 162 30.38 18.37 7.11
C SER A 162 31.91 18.25 7.11
N SER A 163 32.60 18.93 6.21
CA SER A 163 34.06 18.89 6.16
C SER A 163 34.69 19.68 7.31
N TYR A 164 35.66 19.09 7.96
CA TYR A 164 36.34 19.73 9.07
C TYR A 164 37.84 19.76 8.73
N ARG A 165 38.14 20.63 7.76
CA ARG A 165 39.44 20.90 7.14
C ARG A 165 40.59 21.22 8.06
N TYR A 166 41.80 20.82 7.69
CA TYR A 166 43.00 21.14 8.48
C TYR A 166 43.04 22.67 8.43
N GLY A 167 43.50 23.33 9.47
CA GLY A 167 43.46 24.76 9.41
C GLY A 167 44.79 25.43 9.51
N GLY A 168 45.86 24.65 9.52
CA GLY A 168 47.19 25.26 9.55
C GLY A 168 47.45 25.94 8.22
N GLU A 169 48.64 26.52 8.04
CA GLU A 169 48.94 27.19 6.78
C GLU A 169 49.87 26.39 5.85
N GLU A 170 50.53 25.34 6.35
CA GLU A 170 51.43 24.61 5.47
C GLU A 170 50.84 24.16 4.14
N VAL A 171 51.52 24.47 3.04
CA VAL A 171 51.02 24.07 1.75
C VAL A 171 51.89 22.95 1.22
N ASP A 172 51.44 22.33 0.13
CA ASP A 172 52.15 21.23 -0.52
C ASP A 172 52.14 21.58 -2.01
N LEU A 173 53.08 22.42 -2.41
CA LEU A 173 53.14 22.86 -3.81
C LEU A 173 53.09 21.74 -4.85
N ARG A 174 53.69 20.60 -4.55
CA ARG A 174 53.67 19.49 -5.47
C ARG A 174 52.19 19.12 -5.67
N LEU A 175 51.49 18.78 -4.58
CA LEU A 175 50.07 18.45 -4.69
C LEU A 175 49.25 19.57 -5.32
N ALA A 176 49.61 20.80 -4.95
CA ALA A 176 48.87 21.93 -5.46
C ALA A 176 48.95 21.98 -6.97
N LYS A 177 50.06 21.49 -7.50
CA LYS A 177 50.27 21.52 -8.95
C LYS A 177 49.32 20.59 -9.64
N ALA A 178 49.25 19.35 -9.16
CA ALA A 178 48.41 18.34 -9.73
C ALA A 178 46.95 18.67 -9.59
N GLU A 179 46.56 18.99 -8.36
CA GLU A 179 45.17 19.29 -8.12
C GLU A 179 44.69 20.43 -9.01
N SER A 180 45.55 21.42 -9.25
CA SER A 180 45.15 22.52 -10.13
C SER A 180 44.79 22.02 -11.53
N LYS A 181 45.47 20.97 -12.00
CA LYS A 181 45.12 20.46 -13.32
C LYS A 181 43.82 19.67 -13.27
N ILE A 182 43.64 18.83 -12.26
CA ILE A 182 42.39 18.06 -12.21
C ILE A 182 41.24 19.01 -12.38
N LEU A 183 41.27 20.06 -11.56
CA LEU A 183 40.26 21.09 -11.62
C LEU A 183 40.10 21.58 -13.05
N HIS A 184 41.19 22.06 -13.61
CA HIS A 184 41.14 22.56 -14.97
C HIS A 184 40.42 21.57 -15.92
N GLU A 185 41.11 20.49 -16.28
CA GLU A 185 40.52 19.54 -17.21
C GLU A 185 39.06 19.25 -16.90
N LYS A 186 38.73 19.16 -15.63
CA LYS A 186 37.33 18.87 -15.30
C LYS A 186 36.44 20.05 -15.63
N ILE A 187 36.90 21.27 -15.36
CA ILE A 187 36.13 22.47 -15.64
C ILE A 187 35.88 22.55 -17.17
N SER A 188 36.96 22.37 -17.92
CA SER A 188 36.94 22.41 -19.38
C SER A 188 36.05 21.32 -19.99
N ASP A 189 35.93 20.18 -19.31
CA ASP A 189 35.08 19.10 -19.81
C ASP A 189 33.60 19.34 -19.46
N LYS A 190 33.33 20.47 -18.81
CA LYS A 190 31.97 20.80 -18.38
C LYS A 190 31.55 19.78 -17.31
N ALA A 191 32.54 19.10 -16.76
CA ALA A 191 32.32 18.12 -15.72
C ALA A 191 32.41 18.96 -14.47
N TYR A 192 31.40 19.78 -14.27
CA TYR A 192 31.41 20.71 -13.16
C TYR A 192 31.28 20.09 -11.80
N SER A 193 30.41 19.10 -11.69
CA SER A 193 30.13 18.42 -10.46
C SER A 193 30.88 17.10 -10.39
N ASP A 194 32.00 17.00 -11.11
CA ASP A 194 32.77 15.78 -11.09
C ASP A 194 33.38 15.61 -9.71
N ASP A 195 33.36 14.36 -9.24
CA ASP A 195 33.91 13.99 -7.94
C ASP A 195 35.24 14.64 -7.57
N GLU A 196 36.09 14.88 -8.56
CA GLU A 196 37.34 15.50 -8.28
C GLU A 196 37.15 16.99 -8.04
N VAL A 197 36.17 17.60 -8.68
CA VAL A 197 35.95 19.02 -8.47
C VAL A 197 35.46 19.24 -7.07
N ILE A 198 34.48 18.42 -6.70
CA ILE A 198 33.92 18.46 -5.36
C ILE A 198 34.92 18.09 -4.25
N ARG A 199 35.59 16.93 -4.41
CA ARG A 199 36.60 16.51 -3.43
C ARG A 199 37.64 17.57 -3.15
N ILE A 200 38.16 18.19 -4.19
CA ILE A 200 39.20 19.19 -3.99
C ILE A 200 38.65 20.45 -3.29
N LEU A 201 37.48 20.90 -3.72
CA LEU A 201 36.92 22.09 -3.11
C LEU A 201 36.42 21.90 -1.71
N ALA A 202 36.00 20.70 -1.36
CA ALA A 202 35.47 20.51 -0.02
C ALA A 202 36.38 19.92 1.07
N THR A 203 37.41 19.18 0.70
CA THR A 203 38.24 18.60 1.74
C THR A 203 39.55 19.31 2.07
N ARG A 204 40.26 19.82 1.08
CA ARG A 204 41.54 20.45 1.35
C ARG A 204 41.49 21.69 2.25
N SER A 205 42.58 21.99 2.93
CA SER A 205 42.62 23.18 3.79
C SER A 205 42.42 24.41 2.94
N LYS A 206 42.13 25.52 3.62
CA LYS A 206 41.90 26.83 3.00
C LYS A 206 43.22 27.17 2.35
N ALA A 207 44.28 26.98 3.11
CA ALA A 207 45.62 27.21 2.65
C ALA A 207 45.90 26.46 1.34
N GLN A 208 45.85 25.13 1.41
CA GLN A 208 46.15 24.28 0.26
C GLN A 208 45.33 24.68 -0.89
N LEU A 209 44.10 25.01 -0.58
CA LEU A 209 43.19 25.42 -1.59
C LEU A 209 43.69 26.71 -2.27
N ASN A 210 44.45 27.53 -1.58
CA ASN A 210 44.90 28.77 -2.18
C ASN A 210 46.17 28.60 -3.02
N ALA A 211 47.04 27.67 -2.62
CA ALA A 211 48.22 27.42 -3.42
C ALA A 211 47.66 26.83 -4.72
N THR A 212 46.66 25.99 -4.59
CA THR A 212 46.09 25.36 -5.74
C THR A 212 45.57 26.34 -6.77
N LEU A 213 44.97 27.44 -6.35
CA LEU A 213 44.43 28.37 -7.33
C LEU A 213 45.41 29.37 -7.97
N ASN A 214 46.51 29.69 -7.29
CA ASN A 214 47.50 30.59 -7.89
C ASN A 214 48.15 29.80 -9.00
N HIS A 215 48.76 28.68 -8.61
CA HIS A 215 49.40 27.86 -9.60
C HIS A 215 48.45 27.62 -10.76
N TYR A 216 47.14 27.66 -10.51
CA TYR A 216 46.15 27.49 -11.58
C TYR A 216 46.19 28.71 -12.51
N LYS A 217 46.06 29.91 -11.90
CA LYS A 217 46.05 31.17 -12.62
C LYS A 217 47.30 31.50 -13.45
N ASP A 218 48.49 31.06 -13.03
CA ASP A 218 49.72 31.34 -13.81
C ASP A 218 49.62 30.54 -15.09
N GLU A 219 50.07 29.30 -14.98
CA GLU A 219 50.08 28.37 -16.08
C GLU A 219 48.83 28.61 -16.92
N HIS A 220 47.73 27.95 -16.61
CA HIS A 220 46.47 28.16 -17.34
C HIS A 220 46.14 29.63 -17.73
N GLY A 221 46.64 30.62 -17.00
CA GLY A 221 46.37 32.01 -17.38
C GLY A 221 45.39 32.88 -16.58
N GLU A 222 44.09 32.57 -16.71
CA GLU A 222 43.02 33.30 -16.04
C GLU A 222 42.84 32.75 -14.62
N ASP A 223 42.08 33.44 -13.79
CA ASP A 223 41.80 32.92 -12.45
C ASP A 223 40.73 31.83 -12.67
N ILE A 224 40.68 30.82 -11.81
CA ILE A 224 39.69 29.77 -11.98
C ILE A 224 38.27 30.36 -12.15
N LEU A 225 37.98 31.48 -11.51
CA LEU A 225 36.64 32.04 -11.62
C LEU A 225 36.22 32.48 -13.03
N LYS A 226 37.19 32.91 -13.84
CA LYS A 226 36.90 33.33 -15.20
C LYS A 226 36.30 32.21 -16.07
N GLN A 227 36.48 30.93 -15.68
CA GLN A 227 35.93 29.83 -16.49
C GLN A 227 34.66 29.21 -15.89
N LEU A 228 34.20 29.76 -14.75
CA LEU A 228 32.99 29.29 -14.06
C LEU A 228 32.01 30.44 -13.98
N GLU A 229 32.00 31.29 -15.00
CA GLU A 229 31.14 32.49 -14.99
C GLU A 229 29.62 32.22 -14.86
N ASP A 230 28.97 31.98 -15.99
CA ASP A 230 27.53 31.83 -15.92
C ASP A 230 26.94 30.60 -15.27
N GLY A 231 26.72 29.59 -16.12
CA GLY A 231 26.14 28.33 -15.71
C GLY A 231 24.78 28.43 -15.02
N ASP A 232 24.44 27.32 -14.38
CA ASP A 232 23.22 27.15 -13.65
C ASP A 232 23.58 27.40 -12.21
N GLU A 233 22.72 26.92 -11.31
CA GLU A 233 22.96 27.18 -9.91
C GLU A 233 24.24 26.50 -9.43
N PHE A 234 24.41 25.23 -9.76
CA PHE A 234 25.60 24.51 -9.31
C PHE A 234 26.89 25.23 -9.65
N VAL A 235 26.93 25.84 -10.82
CA VAL A 235 28.13 26.51 -11.20
C VAL A 235 28.27 27.74 -10.36
N ALA A 236 27.15 28.36 -10.07
CA ALA A 236 27.15 29.58 -9.28
C ALA A 236 27.56 29.16 -7.89
N LEU A 237 27.08 28.01 -7.45
CA LEU A 237 27.45 27.58 -6.12
C LEU A 237 28.93 27.33 -6.03
N LEU A 238 29.51 26.86 -7.13
CA LEU A 238 30.96 26.57 -7.19
C LEU A 238 31.65 27.89 -7.06
N ARG A 239 31.17 28.82 -7.86
CA ARG A 239 31.70 30.18 -7.89
C ARG A 239 31.71 30.77 -6.47
N ALA A 240 30.68 30.47 -5.67
CA ALA A 240 30.56 31.02 -4.29
C ALA A 240 31.52 30.35 -3.34
N THR A 241 31.64 29.05 -3.52
CA THR A 241 32.51 28.22 -2.71
C THR A 241 33.95 28.70 -2.83
N ILE A 242 34.42 28.86 -4.08
CA ILE A 242 35.80 29.28 -4.34
C ILE A 242 36.04 30.59 -3.61
N LYS A 243 35.20 31.58 -3.87
CA LYS A 243 35.35 32.88 -3.22
C LYS A 243 35.30 32.78 -1.69
N GLY A 244 34.28 32.15 -1.14
CA GLY A 244 34.21 32.04 0.30
C GLY A 244 35.46 31.51 0.97
N LEU A 245 36.00 30.40 0.43
CA LEU A 245 37.20 29.70 0.94
C LEU A 245 38.52 30.43 0.69
N VAL A 246 38.63 31.01 -0.50
CA VAL A 246 39.86 31.68 -0.86
C VAL A 246 39.80 33.22 -0.87
N TYR A 247 38.71 33.84 -1.33
CA TYR A 247 38.61 35.31 -1.36
C TYR A 247 37.43 35.76 -0.56
N PRO A 248 37.42 35.50 0.76
CA PRO A 248 36.27 35.89 1.61
C PRO A 248 35.90 37.35 1.67
N GLU A 249 36.84 38.23 1.35
CA GLU A 249 36.56 39.65 1.39
C GLU A 249 35.80 40.12 0.15
N HIS A 250 36.29 39.79 -1.03
CA HIS A 250 35.56 40.20 -2.21
C HIS A 250 34.17 39.59 -2.14
N TYR A 251 34.04 38.40 -1.58
CA TYR A 251 32.72 37.76 -1.49
C TYR A 251 31.73 38.63 -0.70
N PHE A 252 32.10 38.93 0.53
CA PHE A 252 31.28 39.77 1.36
C PHE A 252 31.06 41.15 0.78
N VAL A 253 32.06 41.70 0.12
CA VAL A 253 31.81 43.00 -0.45
C VAL A 253 30.83 42.86 -1.62
N GLU A 254 30.93 41.82 -2.43
CA GLU A 254 29.96 41.71 -3.53
C GLU A 254 28.56 41.56 -2.91
N VAL A 255 28.53 40.93 -1.74
CA VAL A 255 27.28 40.72 -1.06
C VAL A 255 26.76 42.04 -0.54
N LEU A 256 27.61 42.86 0.08
CA LEU A 256 27.15 44.18 0.54
C LEU A 256 26.65 44.98 -0.61
N ARG A 257 27.31 44.82 -1.74
CA ARG A 257 26.96 45.50 -2.96
C ARG A 257 25.53 45.17 -3.36
N ASP A 258 25.30 43.89 -3.66
CA ASP A 258 23.99 43.46 -4.10
C ASP A 258 22.88 43.64 -3.07
N ALA A 259 23.23 44.08 -1.87
CA ALA A 259 22.25 44.28 -0.80
C ALA A 259 21.95 45.76 -0.59
N ILE A 260 22.94 46.62 -0.78
CA ILE A 260 22.78 48.07 -0.64
C ILE A 260 22.51 48.76 -2.01
N ASN A 261 21.52 49.64 -2.02
CA ASN A 261 21.10 50.36 -3.20
C ASN A 261 20.47 51.61 -2.72
N ARG A 262 20.21 52.54 -3.62
CA ARG A 262 19.59 53.78 -3.19
C ARG A 262 18.21 53.38 -2.75
N ARG A 263 17.48 52.71 -3.64
CA ARG A 263 16.07 52.30 -3.46
C ARG A 263 15.64 51.01 -2.68
N GLY A 264 15.88 49.84 -3.28
CA GLY A 264 15.53 48.59 -2.63
C GLY A 264 16.67 47.86 -1.93
N THR A 265 16.83 48.11 -0.63
CA THR A 265 17.89 47.49 0.17
C THR A 265 17.43 46.18 0.80
N GLU A 266 18.28 45.17 0.70
CA GLU A 266 18.02 43.85 1.25
C GLU A 266 18.54 43.79 2.69
N GLU A 267 17.81 44.42 3.62
CA GLU A 267 18.21 44.47 5.04
C GLU A 267 18.51 43.07 5.59
N ASP A 268 17.86 42.05 5.05
CA ASP A 268 18.17 40.75 5.57
C ASP A 268 19.62 40.41 5.35
N HIS A 269 20.08 40.54 4.11
CA HIS A 269 21.47 40.21 3.84
C HIS A 269 22.48 41.17 4.51
N LEU A 270 22.16 42.47 4.55
CA LEU A 270 23.03 43.45 5.19
C LEU A 270 23.18 43.10 6.69
N THR A 271 22.08 42.77 7.34
CA THR A 271 22.13 42.38 8.75
C THR A 271 22.99 41.12 8.93
N ARG A 272 22.89 40.22 7.96
CA ARG A 272 23.63 38.97 7.98
C ARG A 272 25.13 39.19 7.88
N VAL A 273 25.57 39.97 6.89
CA VAL A 273 26.99 40.24 6.76
C VAL A 273 27.54 40.99 7.99
N ILE A 274 26.98 42.18 8.27
CA ILE A 274 27.36 43.06 9.39
C ILE A 274 27.41 42.31 10.71
N ALA A 275 26.37 41.56 11.03
CA ALA A 275 26.36 40.83 12.28
C ALA A 275 27.41 39.72 12.33
N THR A 276 27.41 38.84 11.33
CA THR A 276 28.33 37.72 11.35
C THR A 276 29.80 38.00 11.10
N ARG A 277 30.12 39.24 10.73
CA ARG A 277 31.52 39.53 10.47
C ARG A 277 32.04 40.62 11.34
N ALA A 278 31.14 41.33 12.00
CA ALA A 278 31.60 42.43 12.83
C ALA A 278 32.70 41.97 13.76
N GLU A 279 32.56 40.83 14.40
CA GLU A 279 33.59 40.36 15.32
C GLU A 279 34.60 39.42 14.67
N VAL A 280 34.73 39.53 13.36
CA VAL A 280 35.69 38.71 12.65
C VAL A 280 36.51 39.42 11.60
N ASP A 281 35.89 40.14 10.66
CA ASP A 281 36.70 40.82 9.67
C ASP A 281 35.99 41.92 8.93
N LEU A 282 34.90 42.42 9.49
CA LEU A 282 34.14 43.46 8.84
C LEU A 282 34.90 44.77 8.65
N LYS A 283 35.88 45.03 9.50
CA LYS A 283 36.65 46.27 9.43
C LYS A 283 37.47 46.29 8.14
N ILE A 284 37.84 45.10 7.65
CA ILE A 284 38.60 44.98 6.41
C ILE A 284 37.68 44.91 5.21
N ILE A 285 36.50 44.35 5.42
CA ILE A 285 35.50 44.23 4.38
C ILE A 285 35.08 45.65 4.11
N ALA A 286 34.94 46.44 5.17
CA ALA A 286 34.51 47.83 5.03
C ALA A 286 35.43 48.51 4.03
N ASP A 287 36.75 48.39 4.24
CA ASP A 287 37.76 48.97 3.33
C ASP A 287 37.55 48.55 1.90
N GLU A 288 37.60 47.25 1.64
CA GLU A 288 37.43 46.78 0.27
C GLU A 288 36.26 47.47 -0.38
N TYR A 289 35.25 47.78 0.42
CA TYR A 289 34.03 48.42 -0.07
C TYR A 289 34.44 49.81 -0.54
N GLN A 290 34.95 50.60 0.39
CA GLN A 290 35.45 51.96 0.14
C GLN A 290 36.15 51.99 -1.20
N LYS A 291 37.27 51.27 -1.27
CA LYS A 291 38.09 51.25 -2.48
C LYS A 291 37.17 51.41 -3.69
N ARG A 292 36.31 50.43 -3.89
CA ARG A 292 35.40 50.44 -5.01
C ARG A 292 34.90 51.82 -5.45
N ASP A 293 34.34 52.60 -4.51
CA ASP A 293 33.79 53.92 -4.85
C ASP A 293 34.19 55.07 -3.94
N SER A 294 35.06 54.81 -2.97
CA SER A 294 35.47 55.86 -2.04
C SER A 294 34.26 56.26 -1.17
N ILE A 295 33.19 55.45 -1.19
CA ILE A 295 31.98 55.70 -0.42
C ILE A 295 32.00 54.75 0.78
N PRO A 296 32.26 55.26 1.99
CA PRO A 296 32.28 54.35 3.13
C PRO A 296 31.01 53.49 3.26
N LEU A 297 31.19 52.22 3.63
CA LEU A 297 30.06 51.34 3.82
C LEU A 297 29.14 52.11 4.77
N GLY A 298 29.74 52.77 5.76
CA GLY A 298 28.98 53.56 6.72
C GLY A 298 28.05 54.56 6.07
N ARG A 299 28.54 55.31 5.09
CA ARG A 299 27.68 56.27 4.40
C ARG A 299 26.54 55.47 3.82
N ALA A 300 26.81 54.78 2.71
CA ALA A 300 25.82 53.96 1.99
C ALA A 300 24.83 53.30 2.93
N ILE A 301 25.30 52.85 4.09
CA ILE A 301 24.40 52.25 5.06
C ILE A 301 23.48 53.32 5.62
N ALA A 302 24.06 54.43 6.04
CA ALA A 302 23.29 55.52 6.61
C ALA A 302 22.38 56.21 5.59
N LYS A 303 22.60 55.92 4.31
CA LYS A 303 21.81 56.54 3.27
C LYS A 303 20.63 55.68 2.85
N ASP A 304 20.68 54.40 3.17
CA ASP A 304 19.61 53.54 2.74
C ASP A 304 19.03 52.69 3.86
N THR A 305 18.97 53.30 5.02
CA THR A 305 18.44 52.67 6.24
C THR A 305 18.24 53.77 7.26
N ARG A 306 17.52 53.47 8.32
CA ARG A 306 17.30 54.49 9.36
C ARG A 306 16.80 53.84 10.65
N GLY A 307 16.30 54.67 11.53
CA GLY A 307 15.78 54.22 12.82
C GLY A 307 16.83 53.52 13.64
N ASP A 308 16.41 52.68 14.58
CA ASP A 308 17.39 51.96 15.41
C ASP A 308 18.09 50.86 14.61
N TYR A 309 17.42 50.33 13.60
CA TYR A 309 18.07 49.34 12.78
C TYR A 309 19.38 50.00 12.33
N GLU A 310 19.27 51.13 11.62
CA GLU A 310 20.45 51.85 11.14
C GLU A 310 21.54 52.09 12.20
N SER A 311 21.14 52.58 13.37
CA SER A 311 22.10 52.83 14.43
C SER A 311 22.85 51.54 14.72
N MET A 312 22.12 50.54 15.18
CA MET A 312 22.69 49.26 15.52
C MET A 312 23.74 48.86 14.49
N LEU A 313 23.42 48.97 13.20
CA LEU A 313 24.36 48.59 12.14
C LEU A 313 25.68 49.37 12.26
N LEU A 314 25.58 50.70 12.25
CA LEU A 314 26.78 51.54 12.35
C LEU A 314 27.57 51.28 13.64
N ALA A 315 26.89 50.95 14.72
CA ALA A 315 27.56 50.67 15.96
C ALA A 315 28.28 49.35 15.87
N LEU A 316 27.77 48.42 15.06
CA LEU A 316 28.46 47.14 14.97
C LEU A 316 29.59 47.30 14.00
N LEU A 317 29.38 48.14 12.98
CA LEU A 317 30.37 48.42 11.94
C LEU A 317 31.62 49.14 12.44
N GLY A 318 31.74 49.30 13.75
CA GLY A 318 32.90 49.93 14.32
C GLY A 318 33.01 51.41 14.02
N GLN A 319 31.88 52.06 13.75
CA GLN A 319 31.96 53.47 13.46
C GLN A 319 31.17 54.41 14.39
N GLU A 320 29.95 54.01 14.81
CA GLU A 320 29.14 54.86 15.73
C GLU A 320 27.95 54.22 16.50
N HIS B 8 -11.81 -34.51 -0.49
CA HIS B 8 -11.36 -34.77 -1.90
C HIS B 8 -12.52 -35.17 -2.82
N MET B 9 -13.75 -35.20 -2.31
CA MET B 9 -14.89 -35.62 -3.14
C MET B 9 -15.70 -34.50 -3.79
N ALA B 10 -16.08 -33.51 -2.99
CA ALA B 10 -16.82 -32.38 -3.50
C ALA B 10 -15.92 -31.72 -4.54
N SER B 11 -16.46 -30.76 -5.27
CA SER B 11 -15.70 -30.03 -6.28
C SER B 11 -15.74 -28.58 -5.85
N LEU B 12 -16.73 -28.26 -5.05
CA LEU B 12 -16.93 -26.91 -4.55
C LEU B 12 -15.67 -26.41 -3.88
N THR B 13 -15.29 -25.18 -4.18
CA THR B 13 -14.12 -24.57 -3.59
C THR B 13 -14.58 -23.32 -2.87
N VAL B 14 -14.25 -23.24 -1.58
CA VAL B 14 -14.61 -22.06 -0.82
C VAL B 14 -13.27 -21.31 -0.66
N PRO B 15 -13.27 -19.97 -0.83
CA PRO B 15 -12.06 -19.16 -0.73
C PRO B 15 -11.25 -19.30 0.52
N ALA B 16 -10.04 -18.76 0.41
CA ALA B 16 -9.03 -18.77 1.46
C ALA B 16 -9.61 -18.44 2.83
N HIS B 17 -9.55 -17.19 3.23
CA HIS B 17 -10.11 -16.84 4.51
C HIS B 17 -11.46 -16.33 4.05
N VAL B 18 -12.52 -16.89 4.60
CA VAL B 18 -13.89 -16.55 4.22
C VAL B 18 -14.51 -15.29 4.74
N PRO B 19 -15.20 -14.53 3.86
CA PRO B 19 -15.85 -13.28 4.22
C PRO B 19 -16.94 -13.44 5.29
N SER B 20 -17.21 -12.36 6.00
CA SER B 20 -18.23 -12.36 7.02
C SER B 20 -19.48 -12.25 6.18
N ALA B 21 -20.58 -12.85 6.66
CA ALA B 21 -21.84 -12.82 5.95
C ALA B 21 -22.21 -11.39 5.62
N ALA B 22 -22.30 -10.58 6.68
CA ALA B 22 -22.63 -9.16 6.56
C ALA B 22 -21.92 -8.54 5.34
N GLU B 23 -20.62 -8.81 5.25
CA GLU B 23 -19.81 -8.32 4.14
C GLU B 23 -20.36 -8.91 2.85
N ASP B 24 -20.42 -10.24 2.80
CA ASP B 24 -20.92 -10.98 1.65
C ASP B 24 -22.21 -10.36 1.15
N CYS B 25 -23.11 -10.08 2.09
CA CYS B 25 -24.41 -9.49 1.76
C CYS B 25 -24.23 -8.11 1.16
N GLU B 26 -23.70 -7.18 1.97
CA GLU B 26 -23.48 -5.82 1.48
C GLU B 26 -22.95 -5.93 0.07
N GLN B 27 -21.84 -6.67 0.00
CA GLN B 27 -21.13 -6.93 -1.23
C GLN B 27 -22.10 -7.45 -2.31
N LEU B 28 -22.97 -8.37 -1.91
CA LEU B 28 -23.91 -8.97 -2.82
C LEU B 28 -25.10 -8.07 -3.18
N ARG B 29 -25.64 -7.37 -2.18
CA ARG B 29 -26.79 -6.48 -2.36
C ARG B 29 -26.53 -5.55 -3.54
N SER B 30 -25.55 -4.69 -3.34
CA SER B 30 -25.10 -3.74 -4.34
C SER B 30 -24.58 -4.45 -5.61
N ALA B 31 -25.14 -5.61 -5.92
CA ALA B 31 -24.71 -6.37 -7.09
C ALA B 31 -25.93 -6.61 -7.99
N PHE B 32 -27.10 -6.70 -7.38
CA PHE B 32 -28.35 -6.87 -8.12
C PHE B 32 -28.75 -5.44 -8.56
N LYS B 33 -27.93 -4.50 -8.10
CA LYS B 33 -28.12 -3.03 -8.23
C LYS B 33 -28.71 -2.52 -9.55
N GLY B 34 -28.93 -3.41 -10.52
CA GLY B 34 -29.46 -3.02 -11.82
C GLY B 34 -29.90 -4.21 -12.66
N TRP B 35 -30.10 -4.03 -13.96
CA TRP B 35 -30.59 -5.17 -14.75
C TRP B 35 -29.58 -6.02 -15.53
N GLY B 36 -28.95 -6.98 -14.83
CA GLY B 36 -27.95 -7.84 -15.45
C GLY B 36 -26.59 -7.22 -15.19
N THR B 37 -26.59 -6.35 -14.21
CA THR B 37 -25.44 -5.55 -13.79
C THR B 37 -24.15 -6.26 -13.27
N ASN B 38 -24.28 -7.22 -12.37
CA ASN B 38 -23.06 -7.82 -11.83
C ASN B 38 -22.96 -9.33 -11.87
N GLU B 39 -23.73 -9.99 -12.73
CA GLU B 39 -23.72 -11.43 -12.76
C GLU B 39 -22.39 -12.03 -12.28
N LYS B 40 -21.29 -11.69 -12.94
CA LYS B 40 -19.97 -12.20 -12.56
C LYS B 40 -19.61 -12.01 -11.07
N LEU B 41 -20.14 -10.98 -10.44
CA LEU B 41 -19.87 -10.71 -9.03
C LEU B 41 -20.74 -11.65 -8.16
N ILE B 42 -21.93 -11.98 -8.66
CA ILE B 42 -22.82 -12.86 -7.89
C ILE B 42 -22.17 -14.27 -7.89
N ILE B 43 -21.87 -14.79 -9.08
CA ILE B 43 -21.21 -16.08 -9.24
C ILE B 43 -20.05 -16.22 -8.23
N SER B 44 -19.04 -15.40 -8.48
CA SER B 44 -17.83 -15.34 -7.67
C SER B 44 -18.04 -15.43 -6.19
N ILE B 45 -19.25 -15.17 -5.73
CA ILE B 45 -19.50 -15.24 -4.30
C ILE B 45 -20.33 -16.49 -3.97
N LEU B 46 -21.51 -16.58 -4.55
CA LEU B 46 -22.39 -17.74 -4.33
C LEU B 46 -21.78 -19.07 -4.72
N ALA B 47 -20.99 -19.07 -5.79
CA ALA B 47 -20.37 -20.29 -6.29
C ALA B 47 -19.13 -20.75 -5.53
N HIS B 48 -18.94 -20.22 -4.32
CA HIS B 48 -17.78 -20.56 -3.48
C HIS B 48 -18.19 -20.40 -2.04
N ARG B 49 -19.41 -20.83 -1.75
CA ARG B 49 -19.98 -20.76 -0.41
C ARG B 49 -20.58 -22.10 -0.11
N THR B 50 -20.43 -22.50 1.14
CA THR B 50 -20.90 -23.79 1.57
C THR B 50 -22.38 -23.74 1.88
N ALA B 51 -22.92 -24.93 2.09
CA ALA B 51 -24.32 -25.09 2.42
C ALA B 51 -24.80 -24.19 3.55
N ALA B 52 -23.93 -23.87 4.51
CA ALA B 52 -24.33 -23.03 5.64
C ALA B 52 -23.84 -21.62 5.54
N GLN B 53 -22.84 -21.42 4.70
CA GLN B 53 -22.36 -20.08 4.49
C GLN B 53 -23.46 -19.42 3.68
N ARG B 54 -23.87 -20.08 2.61
CA ARG B 54 -24.94 -19.55 1.80
C ARG B 54 -26.15 -19.32 2.71
N LYS B 55 -26.40 -20.20 3.67
CA LYS B 55 -27.56 -19.99 4.54
C LYS B 55 -27.32 -18.77 5.44
N LEU B 56 -26.20 -18.81 6.16
CA LEU B 56 -25.83 -17.72 7.04
C LEU B 56 -25.98 -16.38 6.28
N ILE B 57 -25.61 -16.38 5.00
CA ILE B 57 -25.74 -15.19 4.20
C ILE B 57 -27.20 -14.84 4.15
N ARG B 58 -27.97 -15.71 3.51
CA ARG B 58 -29.40 -15.51 3.36
C ARG B 58 -30.09 -15.09 4.65
N GLN B 59 -29.50 -15.51 5.77
CA GLN B 59 -30.09 -15.13 7.06
C GLN B 59 -29.82 -13.66 7.38
N THR B 60 -28.54 -13.25 7.47
CA THR B 60 -28.20 -11.86 7.83
C THR B 60 -28.80 -10.84 6.85
N TYR B 61 -28.60 -11.07 5.56
CA TYR B 61 -29.13 -10.17 4.53
C TYR B 61 -30.64 -9.94 4.76
N ALA B 62 -31.27 -10.86 5.48
CA ALA B 62 -32.66 -10.75 5.83
C ALA B 62 -32.72 -9.92 7.11
N GLU B 63 -32.19 -10.50 8.20
CA GLU B 63 -32.14 -9.86 9.52
C GLU B 63 -31.94 -8.38 9.28
N THR B 64 -31.21 -8.10 8.20
CA THR B 64 -30.87 -6.76 7.80
C THR B 64 -31.85 -6.04 6.86
N PHE B 65 -31.81 -6.30 5.56
CA PHE B 65 -32.69 -5.57 4.64
C PHE B 65 -34.08 -6.12 4.35
N GLY B 66 -34.64 -5.60 3.26
CA GLY B 66 -35.97 -5.98 2.83
C GLY B 66 -36.19 -7.41 2.39
N GLU B 67 -36.24 -7.58 1.08
CA GLU B 67 -36.49 -8.90 0.48
C GLU B 67 -35.66 -10.09 1.02
N ASP B 68 -35.97 -11.26 0.45
CA ASP B 68 -35.32 -12.52 0.72
C ASP B 68 -34.37 -12.51 -0.44
N LEU B 69 -33.14 -12.95 -0.22
CA LEU B 69 -32.16 -12.98 -1.29
C LEU B 69 -32.62 -13.82 -2.48
N LEU B 70 -33.46 -14.81 -2.20
CA LEU B 70 -33.89 -15.66 -3.27
C LEU B 70 -34.91 -15.05 -4.23
N LYS B 71 -35.56 -13.94 -3.84
CA LYS B 71 -36.57 -13.29 -4.68
C LYS B 71 -35.78 -12.36 -5.56
N GLU B 72 -34.60 -12.02 -5.08
CA GLU B 72 -33.71 -11.14 -5.79
C GLU B 72 -33.12 -11.91 -6.96
N LEU B 73 -32.95 -13.20 -6.74
CA LEU B 73 -32.45 -14.08 -7.77
C LEU B 73 -33.60 -14.48 -8.74
N ASP B 74 -34.86 -14.20 -8.38
CA ASP B 74 -35.97 -14.55 -9.26
C ASP B 74 -36.52 -13.55 -10.28
N ARG B 75 -36.15 -12.28 -10.16
CA ARG B 75 -36.65 -11.25 -11.08
C ARG B 75 -37.05 -11.82 -12.46
N GLU B 76 -36.21 -12.69 -13.00
CA GLU B 76 -36.45 -13.38 -14.27
C GLU B 76 -35.69 -14.68 -14.11
N LEU B 77 -36.12 -15.76 -14.74
CA LEU B 77 -35.42 -17.03 -14.55
C LEU B 77 -35.69 -17.97 -15.71
N THR B 78 -35.59 -17.44 -16.94
CA THR B 78 -35.82 -18.22 -18.16
C THR B 78 -34.49 -18.58 -18.83
N HIS B 79 -33.41 -18.00 -18.32
CA HIS B 79 -32.08 -18.26 -18.84
C HIS B 79 -31.40 -19.22 -17.91
N ASP B 80 -30.66 -20.12 -18.53
CA ASP B 80 -29.94 -21.13 -17.81
C ASP B 80 -29.04 -20.64 -16.69
N PHE B 81 -28.40 -19.49 -16.86
CA PHE B 81 -27.56 -18.90 -15.81
C PHE B 81 -28.46 -18.64 -14.58
N GLU B 82 -29.57 -17.96 -14.80
CA GLU B 82 -30.47 -17.64 -13.70
C GLU B 82 -30.91 -18.92 -13.03
N LYS B 83 -31.37 -19.86 -13.84
CA LYS B 83 -31.81 -21.16 -13.34
C LYS B 83 -30.71 -21.83 -12.48
N LEU B 84 -29.48 -21.88 -12.99
CA LEU B 84 -28.39 -22.52 -12.26
C LEU B 84 -27.96 -21.79 -11.00
N VAL B 85 -28.13 -20.48 -10.91
CA VAL B 85 -27.69 -19.87 -9.69
C VAL B 85 -28.74 -20.10 -8.63
N LEU B 86 -30.01 -20.17 -9.04
CA LEU B 86 -31.06 -20.39 -8.06
C LEU B 86 -30.97 -21.75 -7.40
N VAL B 87 -30.97 -22.82 -8.20
CA VAL B 87 -30.88 -24.16 -7.63
C VAL B 87 -29.65 -24.33 -6.79
N TRP B 88 -28.55 -23.76 -7.27
CA TRP B 88 -27.32 -23.87 -6.51
C TRP B 88 -27.37 -23.19 -5.16
N THR B 89 -27.96 -22.02 -5.10
CA THR B 89 -28.02 -21.26 -3.86
C THR B 89 -28.80 -21.90 -2.77
N LEU B 90 -29.88 -22.56 -3.12
CA LEU B 90 -30.67 -23.20 -2.08
C LEU B 90 -29.87 -24.20 -1.26
N ASP B 91 -30.38 -24.45 -0.05
CA ASP B 91 -29.76 -25.43 0.79
C ASP B 91 -30.03 -26.76 0.09
N PRO B 92 -29.04 -27.67 0.04
CA PRO B 92 -29.28 -28.93 -0.65
C PRO B 92 -30.62 -29.58 -0.39
N SER B 93 -31.07 -29.56 0.86
CA SER B 93 -32.35 -30.17 1.14
C SER B 93 -33.45 -29.49 0.29
N GLU B 94 -33.52 -28.15 0.38
CA GLU B 94 -34.51 -27.33 -0.31
C GLU B 94 -34.50 -27.61 -1.75
N ARG B 95 -33.31 -27.68 -2.30
CA ARG B 95 -33.11 -27.98 -3.72
C ARG B 95 -33.71 -29.35 -4.08
N ASP B 96 -33.59 -30.34 -3.19
CA ASP B 96 -34.13 -31.66 -3.51
C ASP B 96 -35.66 -31.66 -3.50
N ALA B 97 -36.26 -30.87 -2.62
CA ALA B 97 -37.71 -30.81 -2.57
C ALA B 97 -38.19 -30.12 -3.82
N HIS B 98 -37.46 -29.11 -4.29
CA HIS B 98 -37.88 -28.42 -5.51
C HIS B 98 -37.75 -29.38 -6.68
N LEU B 99 -36.63 -30.10 -6.73
CA LEU B 99 -36.40 -31.06 -7.78
C LEU B 99 -37.43 -32.19 -7.76
N ALA B 100 -37.80 -32.63 -6.57
CA ALA B 100 -38.74 -33.70 -6.48
C ALA B 100 -40.08 -33.21 -6.93
N LYS B 101 -40.50 -32.09 -6.34
CA LYS B 101 -41.78 -31.54 -6.65
C LYS B 101 -41.90 -31.25 -8.13
N GLU B 102 -40.83 -30.75 -8.72
CA GLU B 102 -40.87 -30.44 -10.12
C GLU B 102 -40.91 -31.72 -10.95
N ALA B 103 -40.45 -32.81 -10.36
CA ALA B 103 -40.40 -34.08 -11.09
C ALA B 103 -41.76 -34.60 -11.43
N THR B 104 -42.73 -34.25 -10.58
CA THR B 104 -44.07 -34.75 -10.75
C THR B 104 -45.05 -33.80 -11.44
N LYS B 105 -44.57 -32.66 -11.89
CA LYS B 105 -45.44 -31.72 -12.59
C LYS B 105 -45.40 -31.92 -14.11
N ARG B 106 -46.56 -31.80 -14.74
CA ARG B 106 -46.69 -32.02 -16.18
C ARG B 106 -45.55 -31.59 -17.14
N TRP B 107 -45.27 -30.30 -17.29
CA TRP B 107 -44.25 -29.91 -18.24
C TRP B 107 -42.84 -30.35 -17.95
N THR B 108 -42.58 -30.65 -16.69
CA THR B 108 -41.26 -31.08 -16.27
C THR B 108 -41.20 -32.55 -15.77
N LYS B 109 -42.29 -33.30 -15.94
CA LYS B 109 -42.34 -34.69 -15.47
C LYS B 109 -41.17 -35.60 -15.86
N SER B 110 -40.64 -36.26 -14.84
CA SER B 110 -39.53 -37.17 -15.02
C SER B 110 -39.39 -38.22 -13.89
N ASN B 111 -39.72 -39.47 -14.21
CA ASN B 111 -39.58 -40.52 -13.25
C ASN B 111 -38.11 -40.88 -12.97
N PHE B 112 -37.24 -40.55 -13.93
CA PHE B 112 -35.83 -40.79 -13.72
C PHE B 112 -35.38 -39.89 -12.58
N VAL B 113 -35.71 -38.60 -12.65
CA VAL B 113 -35.28 -37.65 -11.63
C VAL B 113 -35.71 -38.10 -10.25
N LEU B 114 -36.92 -38.63 -10.17
CA LEU B 114 -37.45 -39.09 -8.90
C LEU B 114 -36.59 -40.26 -8.41
N VAL B 115 -36.21 -41.20 -9.30
CA VAL B 115 -35.40 -42.31 -8.84
C VAL B 115 -34.06 -41.77 -8.43
N GLU B 116 -33.56 -40.83 -9.20
CA GLU B 116 -32.26 -40.25 -8.89
C GLU B 116 -32.19 -39.49 -7.58
N LEU B 117 -33.33 -38.98 -7.12
CA LEU B 117 -33.36 -38.25 -5.86
C LEU B 117 -33.43 -39.28 -4.75
N ALA B 118 -34.20 -40.33 -4.98
CA ALA B 118 -34.35 -41.37 -4.01
C ALA B 118 -33.08 -42.30 -3.85
N CYS B 119 -32.35 -42.52 -4.95
CA CYS B 119 -31.19 -43.42 -4.91
C CYS B 119 -29.81 -42.83 -4.75
N THR B 120 -29.58 -41.68 -5.33
CA THR B 120 -28.26 -41.10 -5.24
C THR B 120 -28.14 -40.21 -4.05
N ARG B 121 -28.97 -40.43 -3.03
CA ARG B 121 -28.90 -39.63 -1.80
C ARG B 121 -28.63 -40.42 -0.55
N SER B 122 -27.92 -39.84 0.40
CA SER B 122 -27.70 -40.57 1.61
C SER B 122 -29.08 -40.72 2.19
N PRO B 123 -29.40 -41.88 2.76
CA PRO B 123 -30.71 -42.09 3.36
C PRO B 123 -31.11 -40.83 4.16
N LYS B 124 -30.29 -40.46 5.10
CA LYS B 124 -30.53 -39.28 5.89
C LYS B 124 -30.91 -38.06 5.02
N GLU B 125 -30.11 -37.77 3.99
CA GLU B 125 -30.36 -36.62 3.10
C GLU B 125 -31.78 -36.69 2.52
N LEU B 126 -32.20 -37.89 2.13
CA LEU B 126 -33.50 -38.08 1.56
C LEU B 126 -34.58 -37.70 2.57
N VAL B 127 -34.36 -38.03 3.86
CA VAL B 127 -35.29 -37.65 4.92
C VAL B 127 -35.32 -36.12 5.09
N LEU B 128 -34.17 -35.47 5.32
CA LEU B 128 -34.17 -34.00 5.46
C LEU B 128 -34.89 -33.34 4.27
N ALA B 129 -34.72 -33.92 3.08
CA ALA B 129 -35.34 -33.42 1.86
C ALA B 129 -36.86 -33.65 1.96
N ARG B 130 -37.23 -34.78 2.51
CA ARG B 130 -38.62 -35.11 2.65
C ARG B 130 -39.26 -34.16 3.63
N GLU B 131 -38.47 -33.64 4.55
CA GLU B 131 -39.02 -32.71 5.52
C GLU B 131 -39.08 -31.32 4.91
N ALA B 132 -38.19 -31.01 3.97
CA ALA B 132 -38.21 -29.71 3.35
C ALA B 132 -39.43 -29.70 2.42
N TYR B 133 -39.68 -30.85 1.81
CA TYR B 133 -40.82 -30.97 0.93
C TYR B 133 -42.03 -30.75 1.82
N HIS B 134 -41.93 -31.21 3.06
CA HIS B 134 -43.01 -31.05 3.99
C HIS B 134 -43.20 -29.55 4.26
N ALA B 135 -42.13 -28.91 4.68
CA ALA B 135 -42.14 -27.49 4.99
C ALA B 135 -42.74 -26.64 3.89
N ARG B 136 -42.22 -26.79 2.68
CA ARG B 136 -42.69 -25.98 1.56
C ARG B 136 -44.09 -26.24 1.03
N TYR B 137 -44.33 -27.44 0.51
CA TYR B 137 -45.61 -27.77 -0.11
C TYR B 137 -46.78 -28.31 0.71
N LYS B 138 -46.58 -28.49 2.01
CA LYS B 138 -47.58 -29.05 2.93
C LYS B 138 -48.13 -30.43 2.50
N LYS B 139 -47.27 -31.24 1.88
CA LYS B 139 -47.61 -32.61 1.46
C LYS B 139 -46.25 -33.31 1.53
N SER B 140 -46.20 -34.57 1.11
CA SER B 140 -44.95 -35.36 1.16
C SER B 140 -44.52 -35.98 -0.15
N LEU B 141 -43.23 -35.96 -0.49
CA LEU B 141 -42.80 -36.58 -1.74
C LEU B 141 -43.62 -37.85 -2.02
N GLU B 142 -43.83 -38.75 -1.06
CA GLU B 142 -44.54 -39.93 -1.50
C GLU B 142 -46.01 -39.77 -1.85
N GLU B 143 -46.73 -38.90 -1.18
CA GLU B 143 -48.14 -38.80 -1.53
C GLU B 143 -48.31 -38.16 -2.91
N ASP B 144 -47.45 -37.21 -3.26
CA ASP B 144 -47.52 -36.57 -4.57
C ASP B 144 -47.05 -37.47 -5.72
N VAL B 145 -46.08 -38.31 -5.45
CA VAL B 145 -45.55 -39.22 -6.44
C VAL B 145 -46.59 -40.30 -6.73
N ALA B 146 -47.23 -40.77 -5.66
CA ALA B 146 -48.25 -41.80 -5.76
C ALA B 146 -49.45 -41.23 -6.50
N TYR B 147 -49.71 -39.96 -6.23
CA TYR B 147 -50.79 -39.27 -6.90
C TYR B 147 -50.54 -39.14 -8.41
N HIS B 148 -49.33 -38.71 -8.77
CA HIS B 148 -48.95 -38.49 -10.17
C HIS B 148 -48.32 -39.65 -10.93
N THR B 149 -48.45 -40.86 -10.42
CA THR B 149 -47.87 -41.96 -11.16
C THR B 149 -48.86 -43.11 -11.02
N THR B 150 -48.83 -44.02 -11.98
CA THR B 150 -49.74 -45.12 -11.93
C THR B 150 -49.06 -46.40 -12.35
N GLY B 151 -49.76 -47.49 -12.20
CA GLY B 151 -49.25 -48.76 -12.63
C GLY B 151 -47.97 -49.19 -12.00
N ASP B 152 -47.25 -50.03 -12.72
CA ASP B 152 -46.01 -50.56 -12.23
C ASP B 152 -45.02 -49.41 -11.96
N HIS B 153 -45.24 -48.26 -12.61
CA HIS B 153 -44.41 -47.07 -12.41
C HIS B 153 -44.53 -46.63 -10.96
N ARG B 154 -45.75 -46.46 -10.50
CA ARG B 154 -45.97 -46.06 -9.13
C ARG B 154 -45.54 -47.18 -8.20
N LYS B 155 -45.64 -48.42 -8.68
CA LYS B 155 -45.27 -49.58 -7.88
C LYS B 155 -43.79 -49.57 -7.48
N LEU B 156 -42.96 -48.92 -8.29
CA LEU B 156 -41.54 -48.83 -8.03
C LEU B 156 -41.24 -47.54 -7.31
N LEU B 157 -41.54 -46.43 -7.98
CA LEU B 157 -41.25 -45.08 -7.51
C LEU B 157 -41.73 -44.66 -6.17
N VAL B 158 -42.83 -45.24 -5.70
CA VAL B 158 -43.25 -44.75 -4.38
C VAL B 158 -42.41 -45.28 -3.28
N PRO B 159 -42.25 -46.61 -3.20
CA PRO B 159 -41.43 -47.21 -2.15
C PRO B 159 -39.98 -46.72 -2.24
N LEU B 160 -39.54 -46.42 -3.46
CA LEU B 160 -38.19 -45.88 -3.66
C LEU B 160 -37.98 -44.53 -2.99
N VAL B 161 -38.90 -43.58 -3.18
CA VAL B 161 -38.72 -42.27 -2.60
C VAL B 161 -39.16 -42.34 -1.16
N SER B 162 -39.81 -43.42 -0.84
CA SER B 162 -40.35 -43.59 0.50
C SER B 162 -39.38 -44.34 1.44
N SER B 163 -38.47 -45.11 0.86
CA SER B 163 -37.53 -45.93 1.64
C SER B 163 -36.46 -45.14 2.35
N TYR B 164 -36.26 -45.47 3.61
CA TYR B 164 -35.28 -44.79 4.45
C TYR B 164 -34.26 -45.83 4.78
N ARG B 165 -33.62 -46.38 3.76
CA ARG B 165 -32.63 -47.46 3.84
C ARG B 165 -31.70 -47.32 4.99
N TYR B 166 -31.14 -48.44 5.45
CA TYR B 166 -30.16 -48.37 6.54
C TYR B 166 -28.87 -47.82 5.91
N GLY B 167 -27.96 -47.33 6.73
CA GLY B 167 -26.78 -46.73 6.15
C GLY B 167 -25.40 -47.28 6.43
N GLY B 168 -25.28 -48.20 7.37
CA GLY B 168 -23.97 -48.75 7.67
C GLY B 168 -23.42 -49.46 6.46
N GLU B 169 -22.32 -50.18 6.68
CA GLU B 169 -21.71 -50.89 5.57
C GLU B 169 -21.82 -52.39 5.76
N GLU B 170 -22.30 -52.80 6.93
CA GLU B 170 -22.47 -54.21 7.24
C GLU B 170 -23.19 -54.79 6.02
N VAL B 171 -23.01 -56.07 5.75
CA VAL B 171 -23.62 -56.75 4.61
C VAL B 171 -23.75 -58.17 5.03
N ASP B 172 -24.72 -58.86 4.48
CA ASP B 172 -24.98 -60.24 4.82
C ASP B 172 -24.82 -61.15 3.61
N LEU B 173 -23.60 -61.62 3.41
CA LEU B 173 -23.28 -62.50 2.28
C LEU B 173 -24.32 -63.56 1.91
N ARG B 174 -24.95 -64.20 2.90
CA ARG B 174 -25.94 -65.18 2.51
C ARG B 174 -27.27 -64.55 1.96
N LEU B 175 -27.83 -63.54 2.64
CA LEU B 175 -29.06 -62.87 2.18
C LEU B 175 -28.69 -62.39 0.77
N ALA B 176 -27.46 -61.90 0.65
CA ALA B 176 -26.95 -61.42 -0.63
C ALA B 176 -27.10 -62.45 -1.73
N LYS B 177 -26.57 -63.64 -1.50
CA LYS B 177 -26.62 -64.71 -2.52
C LYS B 177 -28.03 -65.16 -2.83
N ALA B 178 -28.85 -65.25 -1.78
CA ALA B 178 -30.20 -65.69 -1.89
C ALA B 178 -31.07 -64.77 -2.74
N GLU B 179 -30.92 -63.46 -2.49
CA GLU B 179 -31.69 -62.44 -3.19
C GLU B 179 -31.19 -62.21 -4.61
N SER B 180 -29.87 -62.33 -4.77
CA SER B 180 -29.26 -62.19 -6.07
C SER B 180 -29.91 -63.24 -6.98
N LYS B 181 -30.20 -64.39 -6.39
CA LYS B 181 -30.80 -65.50 -7.11
C LYS B 181 -32.23 -65.14 -7.48
N ILE B 182 -32.91 -64.51 -6.52
CA ILE B 182 -34.29 -64.07 -6.69
C ILE B 182 -34.35 -63.01 -7.80
N LEU B 183 -33.44 -62.04 -7.75
CA LEU B 183 -33.45 -61.05 -8.81
C LEU B 183 -33.43 -61.78 -10.12
N HIS B 184 -32.29 -62.37 -10.40
CA HIS B 184 -32.07 -63.14 -11.62
C HIS B 184 -33.26 -63.94 -12.21
N GLU B 185 -33.75 -64.93 -11.50
CA GLU B 185 -34.85 -65.73 -12.04
C GLU B 185 -36.05 -64.89 -12.45
N LYS B 186 -36.43 -63.97 -11.57
CA LYS B 186 -37.55 -63.07 -11.77
C LYS B 186 -37.31 -62.32 -13.06
N ILE B 187 -36.09 -61.81 -13.20
CA ILE B 187 -35.72 -61.12 -14.40
C ILE B 187 -35.81 -62.07 -15.60
N SER B 188 -35.16 -63.22 -15.51
CA SER B 188 -35.24 -64.11 -16.63
C SER B 188 -36.67 -64.64 -16.83
N ASP B 189 -37.54 -64.42 -15.85
CA ASP B 189 -38.94 -64.84 -15.96
C ASP B 189 -39.68 -63.70 -16.66
N LYS B 190 -39.00 -62.56 -16.81
CA LYS B 190 -39.61 -61.38 -17.44
C LYS B 190 -40.75 -60.87 -16.58
N ALA B 191 -40.50 -60.89 -15.26
CA ALA B 191 -41.40 -60.43 -14.20
C ALA B 191 -40.63 -59.30 -13.50
N TYR B 192 -40.22 -58.30 -14.28
CA TYR B 192 -39.45 -57.21 -13.74
C TYR B 192 -40.12 -56.37 -12.69
N SER B 193 -41.45 -56.26 -12.77
CA SER B 193 -42.16 -55.46 -11.81
C SER B 193 -42.64 -56.33 -10.64
N ASP B 194 -42.04 -57.51 -10.52
CA ASP B 194 -42.43 -58.42 -9.44
C ASP B 194 -42.07 -57.92 -8.03
N ASP B 195 -43.01 -58.04 -7.10
CA ASP B 195 -42.82 -57.67 -5.71
C ASP B 195 -41.40 -57.92 -5.24
N GLU B 196 -40.86 -59.04 -5.63
CA GLU B 196 -39.54 -59.37 -5.18
C GLU B 196 -38.47 -58.49 -5.76
N VAL B 197 -38.71 -57.97 -6.96
CA VAL B 197 -37.73 -57.09 -7.54
C VAL B 197 -37.78 -55.77 -6.82
N ILE B 198 -38.95 -55.19 -6.80
CA ILE B 198 -39.14 -53.91 -6.17
C ILE B 198 -38.67 -53.92 -4.71
N ARG B 199 -39.09 -54.97 -3.99
CA ARG B 199 -38.74 -55.16 -2.58
C ARG B 199 -37.26 -55.02 -2.33
N ILE B 200 -36.47 -55.75 -3.10
CA ILE B 200 -35.04 -55.76 -2.93
C ILE B 200 -34.38 -54.47 -3.28
N LEU B 201 -34.76 -53.90 -4.42
CA LEU B 201 -34.14 -52.66 -4.87
C LEU B 201 -34.55 -51.45 -4.08
N ALA B 202 -35.69 -51.52 -3.42
CA ALA B 202 -36.24 -50.43 -2.63
C ALA B 202 -35.87 -50.38 -1.14
N THR B 203 -36.03 -51.47 -0.42
CA THR B 203 -35.70 -51.53 1.00
C THR B 203 -34.22 -51.81 1.37
N ARG B 204 -33.49 -52.55 0.55
CA ARG B 204 -32.13 -52.89 0.96
C ARG B 204 -31.13 -51.78 0.94
N SER B 205 -30.17 -51.92 1.84
CA SER B 205 -29.09 -50.95 1.97
C SER B 205 -28.23 -50.97 0.71
N LYS B 206 -27.59 -49.87 0.41
CA LYS B 206 -26.74 -49.81 -0.76
C LYS B 206 -25.60 -50.82 -0.70
N ALA B 207 -25.07 -51.12 0.49
CA ALA B 207 -23.98 -52.10 0.67
C ALA B 207 -24.51 -53.53 0.46
N GLN B 208 -25.57 -53.85 1.17
CA GLN B 208 -26.22 -55.14 1.01
C GLN B 208 -26.54 -55.34 -0.48
N LEU B 209 -26.94 -54.26 -1.17
CA LEU B 209 -27.26 -54.37 -2.59
C LEU B 209 -26.01 -54.60 -3.44
N ASN B 210 -24.91 -53.96 -3.07
CA ASN B 210 -23.68 -54.15 -3.80
C ASN B 210 -23.22 -55.61 -3.63
N ALA B 211 -23.21 -56.10 -2.40
CA ALA B 211 -22.86 -57.49 -2.20
C ALA B 211 -23.77 -58.29 -3.15
N THR B 212 -25.08 -58.07 -3.10
CA THR B 212 -26.04 -58.79 -3.95
C THR B 212 -25.64 -58.88 -5.42
N LEU B 213 -25.50 -57.73 -6.08
CA LEU B 213 -25.13 -57.64 -7.50
C LEU B 213 -23.76 -58.25 -7.80
N ASN B 214 -22.81 -58.14 -6.85
CA ASN B 214 -21.48 -58.75 -7.03
C ASN B 214 -21.66 -60.27 -7.17
N HIS B 215 -22.35 -60.85 -6.20
CA HIS B 215 -22.58 -62.28 -6.25
C HIS B 215 -23.20 -62.60 -7.61
N TYR B 216 -24.09 -61.72 -8.06
CA TYR B 216 -24.79 -61.90 -9.32
C TYR B 216 -23.89 -61.95 -10.55
N LYS B 217 -22.78 -61.22 -10.52
CA LYS B 217 -21.89 -61.23 -11.67
C LYS B 217 -21.03 -62.53 -11.67
N ASP B 218 -20.56 -62.92 -10.49
CA ASP B 218 -19.74 -64.14 -10.35
C ASP B 218 -20.51 -65.40 -10.73
N GLU B 219 -21.83 -65.38 -10.63
CA GLU B 219 -22.61 -66.55 -10.99
C GLU B 219 -22.96 -66.56 -12.47
N HIS B 220 -23.88 -65.69 -12.85
CA HIS B 220 -24.38 -65.64 -14.21
C HIS B 220 -23.43 -65.00 -15.22
N GLY B 221 -22.24 -64.60 -14.76
CA GLY B 221 -21.25 -63.98 -15.62
C GLY B 221 -21.65 -62.60 -16.10
N GLU B 222 -22.86 -62.50 -16.65
CA GLU B 222 -23.41 -61.23 -17.11
C GLU B 222 -23.82 -60.32 -15.95
N ASP B 223 -23.32 -59.07 -16.00
CA ASP B 223 -23.62 -58.03 -15.02
C ASP B 223 -25.15 -57.92 -15.09
N ILE B 224 -25.83 -57.77 -13.95
CA ILE B 224 -27.30 -57.72 -13.92
C ILE B 224 -27.86 -56.70 -14.89
N LEU B 225 -27.07 -55.68 -15.22
CA LEU B 225 -27.54 -54.67 -16.15
C LEU B 225 -27.62 -55.15 -17.60
N LYS B 226 -26.61 -55.94 -18.01
CA LYS B 226 -26.56 -56.49 -19.38
C LYS B 226 -27.79 -57.36 -19.61
N GLN B 227 -28.35 -57.82 -18.50
CA GLN B 227 -29.54 -58.66 -18.43
C GLN B 227 -30.82 -57.81 -18.35
N LEU B 228 -30.64 -56.53 -17.99
CA LEU B 228 -31.77 -55.59 -17.92
C LEU B 228 -31.78 -54.55 -19.05
N GLU B 229 -30.97 -54.77 -20.08
CA GLU B 229 -31.00 -53.89 -21.27
C GLU B 229 -32.27 -54.19 -22.06
N ASP B 230 -33.30 -53.35 -22.03
CA ASP B 230 -34.55 -53.74 -22.72
C ASP B 230 -35.56 -52.65 -23.07
N GLY B 231 -35.36 -51.64 -23.86
CA GLY B 231 -36.57 -50.69 -24.10
C GLY B 231 -37.57 -50.17 -22.85
N ASP B 232 -38.75 -50.86 -22.58
CA ASP B 232 -39.87 -50.40 -21.60
C ASP B 232 -39.35 -49.42 -20.52
N GLU B 233 -40.13 -48.35 -20.28
CA GLU B 233 -39.71 -47.33 -19.28
C GLU B 233 -39.43 -47.97 -17.93
N PHE B 234 -40.28 -48.92 -17.54
CA PHE B 234 -40.09 -49.58 -16.25
C PHE B 234 -38.68 -50.13 -16.12
N VAL B 235 -38.25 -50.81 -17.17
CA VAL B 235 -36.97 -51.47 -17.20
C VAL B 235 -35.89 -50.44 -17.18
N ALA B 236 -36.13 -49.32 -17.85
CA ALA B 236 -35.13 -48.25 -17.84
C ALA B 236 -35.04 -47.68 -16.42
N LEU B 237 -36.18 -47.54 -15.75
CA LEU B 237 -36.19 -47.04 -14.40
C LEU B 237 -35.45 -47.98 -13.45
N LEU B 238 -35.54 -49.29 -13.70
CA LEU B 238 -34.79 -50.26 -12.86
C LEU B 238 -33.29 -50.11 -13.12
N ARG B 239 -32.90 -49.82 -14.35
CA ARG B 239 -31.48 -49.65 -14.57
C ARG B 239 -31.01 -48.40 -13.90
N ALA B 240 -31.90 -47.41 -13.78
CA ALA B 240 -31.54 -46.14 -13.16
C ALA B 240 -31.44 -46.44 -11.70
N THR B 241 -32.48 -47.10 -11.21
CA THR B 241 -32.47 -47.41 -9.82
C THR B 241 -31.23 -48.17 -9.45
N ILE B 242 -31.00 -49.32 -10.10
CA ILE B 242 -29.82 -50.11 -9.76
C ILE B 242 -28.57 -49.31 -9.93
N LYS B 243 -28.48 -48.64 -11.06
CA LYS B 243 -27.32 -47.82 -11.35
C LYS B 243 -27.06 -46.91 -10.15
N GLY B 244 -27.99 -46.01 -9.86
CA GLY B 244 -27.77 -45.09 -8.77
C GLY B 244 -27.57 -45.61 -7.36
N LEU B 245 -28.34 -46.58 -6.95
CA LEU B 245 -28.23 -47.09 -5.61
C LEU B 245 -26.87 -47.66 -5.39
N VAL B 246 -26.30 -48.27 -6.43
CA VAL B 246 -25.00 -48.91 -6.30
C VAL B 246 -23.81 -48.24 -6.96
N TYR B 247 -23.91 -47.88 -8.24
CA TYR B 247 -22.80 -47.26 -8.97
C TYR B 247 -23.05 -45.74 -9.23
N PRO B 248 -23.20 -44.93 -8.18
CA PRO B 248 -23.44 -43.52 -8.31
C PRO B 248 -22.60 -42.73 -9.30
N GLU B 249 -21.27 -42.72 -9.12
CA GLU B 249 -20.39 -41.94 -10.02
C GLU B 249 -20.62 -42.23 -11.52
N HIS B 250 -20.61 -43.50 -11.90
CA HIS B 250 -20.83 -43.83 -13.29
C HIS B 250 -22.19 -43.37 -13.72
N TYR B 251 -23.18 -43.55 -12.85
CA TYR B 251 -24.53 -43.11 -13.14
C TYR B 251 -24.47 -41.66 -13.60
N PHE B 252 -23.81 -40.82 -12.81
CA PHE B 252 -23.70 -39.42 -13.16
C PHE B 252 -22.84 -39.17 -14.37
N VAL B 253 -21.74 -39.88 -14.49
CA VAL B 253 -20.92 -39.65 -15.66
C VAL B 253 -21.77 -39.94 -16.89
N GLU B 254 -22.62 -40.95 -16.81
CA GLU B 254 -23.45 -41.27 -17.96
C GLU B 254 -24.31 -40.06 -18.24
N VAL B 255 -25.18 -39.70 -17.30
CA VAL B 255 -26.08 -38.54 -17.43
C VAL B 255 -25.36 -37.36 -17.98
N LEU B 256 -24.18 -37.08 -17.45
CA LEU B 256 -23.39 -35.96 -17.95
C LEU B 256 -22.98 -36.19 -19.39
N ARG B 257 -22.51 -37.37 -19.69
CA ARG B 257 -22.10 -37.68 -21.03
C ARG B 257 -23.35 -37.55 -21.93
N ASP B 258 -24.48 -38.03 -21.44
CA ASP B 258 -25.72 -37.99 -22.21
C ASP B 258 -26.38 -36.62 -22.07
N ALA B 259 -25.65 -35.62 -21.62
CA ALA B 259 -26.18 -34.24 -21.54
C ALA B 259 -25.38 -33.24 -22.42
N ILE B 260 -24.06 -33.27 -22.27
CA ILE B 260 -23.21 -32.36 -23.00
C ILE B 260 -23.12 -32.81 -24.42
N ASN B 261 -23.63 -32.03 -25.35
CA ASN B 261 -23.52 -32.41 -26.74
C ASN B 261 -23.15 -31.25 -27.68
N ARG B 262 -22.77 -31.68 -28.88
CA ARG B 262 -22.34 -30.83 -30.02
C ARG B 262 -23.36 -29.72 -30.26
N ARG B 263 -24.25 -29.98 -31.21
CA ARG B 263 -25.40 -29.11 -31.50
C ARG B 263 -26.52 -29.62 -30.60
N GLY B 264 -27.19 -28.80 -29.82
CA GLY B 264 -28.24 -29.40 -28.91
C GLY B 264 -27.72 -30.01 -27.54
N THR B 265 -27.51 -29.13 -26.57
CA THR B 265 -27.18 -29.52 -25.18
C THR B 265 -28.50 -29.66 -24.40
N GLU B 266 -28.44 -30.42 -23.32
CA GLU B 266 -29.58 -30.63 -22.41
C GLU B 266 -29.28 -29.92 -21.09
N GLU B 267 -29.18 -28.62 -21.18
CA GLU B 267 -28.83 -27.77 -20.04
C GLU B 267 -29.63 -28.15 -18.80
N ASP B 268 -30.88 -28.48 -19.00
CA ASP B 268 -31.72 -28.89 -17.87
C ASP B 268 -30.94 -29.88 -17.01
N HIS B 269 -30.56 -30.98 -17.63
CA HIS B 269 -29.87 -32.11 -16.97
C HIS B 269 -28.46 -31.74 -16.48
N LEU B 270 -27.70 -31.08 -17.33
CA LEU B 270 -26.33 -30.65 -16.98
C LEU B 270 -26.37 -29.96 -15.62
N THR B 271 -27.20 -28.94 -15.56
CA THR B 271 -27.39 -28.13 -14.37
C THR B 271 -27.71 -28.98 -13.15
N ARG B 272 -28.64 -29.88 -13.30
CA ARG B 272 -29.06 -30.69 -12.16
C ARG B 272 -27.85 -31.38 -11.52
N VAL B 273 -27.04 -32.00 -12.35
CA VAL B 273 -25.86 -32.71 -11.84
C VAL B 273 -24.86 -31.77 -11.18
N ILE B 274 -24.43 -30.81 -11.96
CA ILE B 274 -23.39 -29.86 -11.53
C ILE B 274 -23.73 -29.17 -10.19
N ALA B 275 -24.98 -28.82 -9.97
CA ALA B 275 -25.35 -28.11 -8.73
C ALA B 275 -25.63 -29.07 -7.55
N THR B 276 -26.31 -30.18 -7.82
CA THR B 276 -26.66 -31.13 -6.74
C THR B 276 -25.46 -31.99 -6.31
N ARG B 277 -24.44 -32.06 -7.15
CA ARG B 277 -23.27 -32.93 -6.86
C ARG B 277 -21.95 -32.17 -6.60
N ALA B 278 -21.95 -30.87 -6.72
CA ALA B 278 -20.70 -30.10 -6.49
C ALA B 278 -20.24 -30.22 -5.04
N GLU B 279 -21.19 -30.07 -4.12
CA GLU B 279 -20.84 -30.12 -2.70
C GLU B 279 -20.92 -31.56 -2.17
N VAL B 280 -20.70 -32.52 -3.07
CA VAL B 280 -20.77 -33.93 -2.65
C VAL B 280 -19.64 -34.80 -3.24
N ASP B 281 -19.71 -35.05 -4.55
CA ASP B 281 -18.74 -35.97 -5.19
C ASP B 281 -18.40 -35.60 -6.66
N LEU B 282 -18.75 -34.42 -7.08
CA LEU B 282 -18.52 -33.98 -8.48
C LEU B 282 -17.01 -34.04 -8.85
N LYS B 283 -16.14 -34.08 -7.85
CA LYS B 283 -14.69 -34.17 -8.09
C LYS B 283 -14.39 -35.53 -8.72
N ILE B 284 -14.98 -36.55 -8.12
CA ILE B 284 -14.83 -37.94 -8.56
C ILE B 284 -15.54 -38.19 -9.88
N ILE B 285 -16.72 -37.64 -9.99
CA ILE B 285 -17.51 -37.79 -11.21
C ILE B 285 -16.72 -37.18 -12.37
N ALA B 286 -15.96 -36.17 -12.01
CA ALA B 286 -15.11 -35.43 -12.96
C ALA B 286 -14.03 -36.35 -13.53
N ASP B 287 -13.19 -36.86 -12.63
CA ASP B 287 -12.07 -37.74 -13.00
C ASP B 287 -12.57 -38.94 -13.81
N GLU B 288 -13.55 -39.61 -13.26
CA GLU B 288 -14.13 -40.77 -13.90
C GLU B 288 -14.62 -40.42 -15.31
N TYR B 289 -15.00 -39.17 -15.46
CA TYR B 289 -15.58 -38.68 -16.72
C TYR B 289 -14.53 -38.43 -17.82
N GLN B 290 -13.35 -38.00 -17.42
CA GLN B 290 -12.29 -37.69 -18.41
C GLN B 290 -11.72 -38.99 -19.00
N LYS B 291 -11.70 -40.02 -18.18
CA LYS B 291 -11.21 -41.34 -18.59
C LYS B 291 -12.06 -41.91 -19.74
N ARG B 292 -13.36 -41.91 -19.48
CA ARG B 292 -14.39 -42.42 -20.40
C ARG B 292 -13.90 -42.41 -21.86
N ASP B 293 -13.54 -41.21 -22.31
CA ASP B 293 -13.02 -41.01 -23.67
C ASP B 293 -11.66 -40.31 -23.53
N SER B 294 -11.58 -38.99 -23.55
CA SER B 294 -10.21 -38.41 -23.61
C SER B 294 -10.16 -36.91 -23.14
N ILE B 295 -11.27 -36.21 -22.98
CA ILE B 295 -11.19 -34.77 -22.55
C ILE B 295 -11.99 -34.51 -21.27
N PRO B 296 -11.46 -33.71 -20.32
CA PRO B 296 -12.17 -33.41 -19.07
C PRO B 296 -13.52 -32.69 -19.26
N LEU B 297 -14.26 -32.59 -18.14
CA LEU B 297 -15.62 -31.98 -18.07
C LEU B 297 -15.57 -30.46 -18.26
N GLY B 298 -14.73 -29.84 -17.45
CA GLY B 298 -14.54 -28.39 -17.49
C GLY B 298 -14.52 -27.93 -18.94
N ARG B 299 -13.79 -28.68 -19.75
CA ARG B 299 -13.63 -28.35 -21.17
C ARG B 299 -14.91 -28.70 -21.95
N ALA B 300 -15.33 -29.95 -21.90
CA ALA B 300 -16.55 -30.41 -22.60
C ALA B 300 -17.70 -29.42 -22.35
N ILE B 301 -17.62 -28.77 -21.20
CA ILE B 301 -18.62 -27.78 -20.80
C ILE B 301 -18.37 -26.46 -21.53
N ALA B 302 -17.11 -26.26 -21.86
CA ALA B 302 -16.66 -25.00 -22.50
C ALA B 302 -16.77 -25.01 -24.03
N LYS B 303 -16.93 -26.18 -24.62
CA LYS B 303 -17.07 -26.27 -26.08
C LYS B 303 -18.56 -26.40 -26.46
N ASP B 304 -19.41 -26.44 -25.42
CA ASP B 304 -20.88 -26.60 -25.59
C ASP B 304 -21.70 -25.59 -24.76
N THR B 305 -21.04 -24.92 -23.80
CA THR B 305 -21.72 -23.98 -22.93
C THR B 305 -21.15 -22.58 -22.95
N ARG B 306 -21.94 -21.58 -23.36
CA ARG B 306 -21.44 -20.20 -23.38
C ARG B 306 -21.85 -19.33 -22.18
N GLY B 307 -21.30 -18.12 -22.14
CA GLY B 307 -21.60 -17.14 -21.12
C GLY B 307 -21.44 -17.35 -19.63
N ASP B 308 -22.36 -16.77 -18.89
CA ASP B 308 -22.38 -16.87 -17.45
C ASP B 308 -22.80 -18.25 -16.99
N TYR B 309 -23.61 -18.93 -17.81
CA TYR B 309 -24.01 -20.29 -17.48
C TYR B 309 -22.71 -21.05 -17.35
N GLU B 310 -21.86 -20.86 -18.36
CA GLU B 310 -20.56 -21.50 -18.39
C GLU B 310 -19.57 -21.14 -17.26
N SER B 311 -19.74 -19.94 -16.71
CA SER B 311 -18.90 -19.38 -15.64
C SER B 311 -19.27 -20.01 -14.34
N MET B 312 -20.56 -19.95 -14.06
CA MET B 312 -21.15 -20.52 -12.88
C MET B 312 -20.84 -22.03 -12.85
N LEU B 313 -21.05 -22.70 -13.99
CA LEU B 313 -20.80 -24.13 -14.06
C LEU B 313 -19.42 -24.49 -13.63
N LEU B 314 -18.42 -23.91 -14.32
CA LEU B 314 -17.02 -24.18 -14.04
C LEU B 314 -16.60 -23.87 -12.60
N ALA B 315 -17.11 -22.77 -12.06
CA ALA B 315 -16.77 -22.41 -10.68
C ALA B 315 -17.39 -23.34 -9.63
N LEU B 316 -18.46 -24.03 -10.01
CA LEU B 316 -19.10 -24.99 -9.12
C LEU B 316 -18.26 -26.27 -9.19
N LEU B 317 -17.78 -26.54 -10.39
CA LEU B 317 -16.94 -27.71 -10.71
C LEU B 317 -15.50 -27.61 -10.15
N GLY B 318 -14.98 -26.40 -10.05
CA GLY B 318 -13.64 -26.24 -9.52
C GLY B 318 -12.59 -26.19 -10.61
N GLN B 319 -13.01 -26.49 -11.84
CA GLN B 319 -12.11 -26.46 -12.97
C GLN B 319 -12.05 -25.09 -13.62
N GLU B 320 -12.18 -24.10 -12.73
CA GLU B 320 -12.06 -22.69 -13.06
C GLU B 320 -10.57 -22.60 -12.67
N GLU B 321 -10.11 -21.49 -12.08
CA GLU B 321 -8.69 -21.42 -11.65
C GLU B 321 -8.38 -20.57 -10.38
#